data_2Z75
#
_entry.id   2Z75
#
_cell.length_a   180.935
_cell.length_b   39.942
_cell.length_c   70.435
_cell.angle_alpha   90.00
_cell.angle_beta   90.00
_cell.angle_gamma   90.00
#
_symmetry.space_group_name_H-M   'P 21 21 2'
#
loop_
_entity.id
_entity.type
_entity.pdbx_description
1 polymer 'glmS ribozyme substrate RNA'
2 polymer 'glmS ribozyme RNA'
3 non-polymer 2-amino-2-deoxy-6-O-phosphono-alpha-D-glucopyranose
4 non-polymer 'MAGNESIUM ION'
5 water water
#
loop_
_entity_poly.entity_id
_entity_poly.type
_entity_poly.pdbx_seq_one_letter_code
_entity_poly.pdbx_strand_id
1 'polydeoxyribonucleotide/polyribonucleotide hybrid' (DA)GCGCCUGGACUUAAAGCCAUUGCACU A
2 'polyribonucleotide'
;CCGGCUUUAAGUUGACGAGGGCAGGGUUUAUCGAGACAUCGGCGGGUGCCCUGCGGUCUUCCUGCGACCGUUAGAGGACU
GGUAAAACCACAGGCGACUGUGGCAUAGAGCAGUCCGGGCAGGAA
;
B
#